data_3IF4
#
_entry.id   3IF4
#
_cell.length_a   61.324
_cell.length_b   44.481
_cell.length_c   82.462
_cell.angle_alpha   90.00
_cell.angle_beta   109.81
_cell.angle_gamma   90.00
#
_symmetry.space_group_name_H-M   'P 1 21 1'
#
loop_
_entity.id
_entity.type
_entity.pdbx_description
1 polymer 'Integron Cassette Protein Hfx_Cass5'
2 water water
#
_entity_poly.entity_id   1
_entity_poly.type   'polypeptide(L)'
_entity_poly.pdbx_seq_one_letter_code
;(MSE)GSSHHHHHHSSGRENLYFQG(MSE)KQEFVAAIEIDGTGRIHVTPGESQFPYIYREA(MSE)EVSWNESTRSLHS
PVPREWSYAQWLQQIFAAASEQGVKLVLGPNTRWVNVPNELRAELTHAAAA
;
_entity_poly.pdbx_strand_id   A,B,C,D
#
# COMPACT_ATOMS: atom_id res chain seq x y z
N GLN A 20 -2.60 18.48 15.83
CA GLN A 20 -1.19 18.78 16.05
C GLN A 20 -0.37 18.38 14.83
N GLY A 21 -0.15 19.33 13.95
CA GLY A 21 0.37 19.02 12.64
C GLY A 21 -0.82 18.79 11.72
N MSE A 22 -1.97 18.51 12.34
CA MSE A 22 -3.22 18.34 11.61
C MSE A 22 -3.53 19.63 10.85
O MSE A 22 -3.65 20.70 11.44
CB MSE A 22 -4.35 17.97 12.56
CG MSE A 22 -5.67 17.61 11.89
SE MSE A 22 -5.63 15.95 10.82
CE MSE A 22 -4.51 14.90 11.99
N LYS A 23 -3.68 19.50 9.55
CA LYS A 23 -3.92 20.64 8.67
C LYS A 23 -5.35 20.57 8.13
N GLN A 24 -6.12 21.62 8.40
CA GLN A 24 -7.47 21.73 7.86
C GLN A 24 -7.38 22.23 6.42
N GLU A 25 -8.22 21.72 5.53
CA GLU A 25 -8.08 22.02 4.10
C GLU A 25 -9.41 21.92 3.36
N PHE A 26 -9.64 22.82 2.41
CA PHE A 26 -10.88 22.81 1.64
C PHE A 26 -10.93 21.70 0.59
N VAL A 27 -12.09 21.09 0.44
CA VAL A 27 -12.30 20.16 -0.66
C VAL A 27 -12.64 20.97 -1.91
N ALA A 28 -11.86 20.79 -2.97
CA ALA A 28 -12.17 21.49 -4.22
C ALA A 28 -13.31 20.85 -5.02
N ALA A 29 -13.48 19.54 -4.92
CA ALA A 29 -14.59 18.90 -5.63
C ALA A 29 -15.03 17.53 -5.08
N ILE A 30 -16.32 17.26 -5.20
CA ILE A 30 -16.85 15.92 -4.99
C ILE A 30 -17.49 15.50 -6.30
N GLU A 31 -17.09 14.33 -6.79
CA GLU A 31 -17.57 13.84 -8.08
C GLU A 31 -17.78 12.33 -8.09
N ILE A 32 -18.94 11.90 -8.57
CA ILE A 32 -19.16 10.49 -8.86
C ILE A 32 -18.89 10.28 -10.33
N ASP A 33 -17.88 9.47 -10.65
CA ASP A 33 -17.47 9.34 -12.05
C ASP A 33 -18.37 8.38 -12.83
N GLY A 34 -18.02 8.14 -14.08
CA GLY A 34 -18.84 7.33 -14.97
C GLY A 34 -18.94 5.87 -14.57
N THR A 35 -17.97 5.41 -13.78
CA THR A 35 -18.00 4.03 -13.31
C THR A 35 -18.66 3.92 -11.93
N GLY A 36 -19.05 5.05 -11.35
CA GLY A 36 -19.80 5.04 -10.11
C GLY A 36 -18.96 5.23 -8.87
N ARG A 37 -17.66 5.42 -9.04
CA ARG A 37 -16.78 5.72 -7.90
C ARG A 37 -16.96 7.18 -7.45
N ILE A 38 -16.86 7.42 -6.13
CA ILE A 38 -16.93 8.78 -5.63
C ILE A 38 -15.52 9.33 -5.41
N HIS A 39 -15.29 10.54 -5.92
CA HIS A 39 -13.99 11.20 -5.90
C HIS A 39 -13.99 12.43 -5.01
N VAL A 40 -12.95 12.56 -4.18
CA VAL A 40 -12.75 13.75 -3.38
C VAL A 40 -11.43 14.41 -3.79
N THR A 41 -11.53 15.61 -4.34
CA THR A 41 -10.38 16.35 -4.83
C THR A 41 -9.97 17.39 -3.81
N PRO A 42 -8.84 17.18 -3.14
CA PRO A 42 -8.35 18.12 -2.12
C PRO A 42 -7.94 19.43 -2.76
N GLY A 43 -7.97 20.51 -1.99
CA GLY A 43 -7.61 21.82 -2.48
C GLY A 43 -6.15 21.94 -2.87
N GLU A 44 -5.27 21.27 -2.13
CA GLU A 44 -3.84 21.47 -2.31
C GLU A 44 -2.98 20.24 -2.03
N SER A 45 -3.39 19.41 -1.07
CA SER A 45 -2.56 18.27 -0.69
C SER A 45 -2.63 17.10 -1.69
N GLN A 46 -1.57 16.30 -1.73
CA GLN A 46 -1.55 15.06 -2.51
C GLN A 46 -1.32 13.84 -1.59
N PHE A 47 -1.90 12.70 -1.96
CA PHE A 47 -1.85 11.53 -1.08
C PHE A 47 -1.36 10.26 -1.80
N PRO A 48 -0.13 10.30 -2.30
CA PRO A 48 0.48 9.21 -3.10
C PRO A 48 0.42 7.87 -2.39
N TYR A 49 0.59 7.91 -1.07
CA TYR A 49 0.68 6.69 -0.26
C TYR A 49 -0.60 6.39 0.48
N ILE A 50 -1.70 7.04 0.09
CA ILE A 50 -2.99 6.79 0.74
C ILE A 50 -3.35 5.30 0.75
N TYR A 51 -3.00 4.57 -0.31
CA TYR A 51 -3.30 3.14 -0.35
C TYR A 51 -2.66 2.43 0.83
N ARG A 52 -1.54 2.96 1.32
CA ARG A 52 -0.84 2.36 2.45
C ARG A 52 -1.61 2.40 3.76
N GLU A 53 -2.71 3.14 3.81
CA GLU A 53 -3.50 3.17 5.02
C GLU A 53 -4.36 1.92 5.11
N ALA A 54 -4.37 1.15 4.03
CA ALA A 54 -5.10 -0.11 3.99
C ALA A 54 -6.59 0.08 4.27
N MSE A 55 -7.14 1.17 3.77
CA MSE A 55 -8.54 1.51 4.04
C MSE A 55 -9.39 1.46 2.78
O MSE A 55 -10.53 1.97 2.77
CB MSE A 55 -8.64 2.90 4.70
CG MSE A 55 -8.14 2.92 6.14
SE MSE A 55 -7.99 4.67 6.98
CE MSE A 55 -9.86 5.21 6.95
N GLU A 56 -8.86 0.87 1.72
CA GLU A 56 -9.57 0.79 0.44
C GLU A 56 -9.76 2.16 -0.25
N VAL A 57 -8.98 3.14 0.17
CA VAL A 57 -8.99 4.44 -0.50
C VAL A 57 -7.80 4.49 -1.45
N SER A 58 -7.97 5.13 -2.59
CA SER A 58 -6.89 5.24 -3.55
C SER A 58 -6.66 6.68 -3.99
N TRP A 59 -5.47 6.94 -4.52
CA TRP A 59 -5.14 8.25 -5.02
C TRP A 59 -4.91 8.15 -6.53
N ASN A 60 -5.62 8.96 -7.30
CA ASN A 60 -5.42 9.00 -8.73
C ASN A 60 -4.68 10.28 -9.09
N GLU A 61 -3.42 10.14 -9.49
CA GLU A 61 -2.57 11.31 -9.68
C GLU A 61 -2.97 12.15 -10.88
N SER A 62 -3.54 11.53 -11.90
CA SER A 62 -3.89 12.28 -13.11
C SER A 62 -5.06 13.22 -12.84
N THR A 63 -5.94 12.83 -11.92
CA THR A 63 -7.07 13.67 -11.55
C THR A 63 -6.86 14.26 -10.16
N ARG A 64 -5.71 13.96 -9.56
CA ARG A 64 -5.38 14.42 -8.22
C ARG A 64 -6.55 14.29 -7.25
N SER A 65 -7.08 13.08 -7.11
CA SER A 65 -8.23 12.86 -6.25
C SER A 65 -8.11 11.56 -5.47
N LEU A 66 -8.69 11.57 -4.27
CA LEU A 66 -8.92 10.36 -3.51
C LEU A 66 -10.22 9.78 -4.03
N HIS A 67 -10.30 8.46 -4.15
CA HIS A 67 -11.54 7.85 -4.63
C HIS A 67 -11.82 6.47 -4.04
N SER A 68 -13.07 6.07 -4.13
CA SER A 68 -13.52 4.76 -3.65
C SER A 68 -13.37 3.75 -4.76
N PRO A 69 -13.64 2.46 -4.45
CA PRO A 69 -13.78 1.45 -5.50
C PRO A 69 -15.13 1.64 -6.18
N VAL A 70 -15.43 0.81 -7.17
CA VAL A 70 -16.74 0.83 -7.80
C VAL A 70 -17.75 0.35 -6.76
N PRO A 71 -18.92 0.99 -6.70
CA PRO A 71 -19.98 0.53 -5.79
C PRO A 71 -20.46 -0.87 -6.16
N ARG A 72 -21.11 -1.55 -5.25
CA ARG A 72 -21.73 -2.83 -5.52
C ARG A 72 -22.61 -3.33 -4.37
N GLU A 73 -23.80 -3.84 -4.69
CA GLU A 73 -24.66 -4.46 -3.69
C GLU A 73 -24.00 -5.73 -3.15
N TRP A 74 -24.43 -6.14 -1.97
CA TRP A 74 -24.06 -7.45 -1.43
C TRP A 74 -24.77 -8.56 -2.21
N SER A 75 -24.01 -9.53 -2.70
CA SER A 75 -24.60 -10.70 -3.32
C SER A 75 -23.86 -11.94 -2.89
N TYR A 76 -24.58 -12.91 -2.33
CA TYR A 76 -23.96 -14.18 -1.93
C TYR A 76 -23.39 -14.94 -3.12
N ALA A 77 -24.12 -14.96 -4.23
CA ALA A 77 -23.64 -15.58 -5.44
C ALA A 77 -22.28 -15.01 -5.83
N GLN A 78 -22.21 -13.68 -5.93
CA GLN A 78 -20.96 -13.01 -6.28
C GLN A 78 -19.87 -13.37 -5.28
N TRP A 79 -20.18 -13.30 -3.99
CA TRP A 79 -19.18 -13.64 -2.99
C TRP A 79 -18.69 -15.07 -3.11
N LEU A 80 -19.58 -16.00 -3.47
CA LEU A 80 -19.14 -17.37 -3.68
C LEU A 80 -18.18 -17.40 -4.87
N GLN A 81 -18.53 -16.70 -5.94
CA GLN A 81 -17.65 -16.65 -7.10
C GLN A 81 -16.32 -16.01 -6.73
N GLN A 82 -16.38 -14.97 -5.91
CA GLN A 82 -15.19 -14.28 -5.42
C GLN A 82 -14.31 -15.25 -4.64
N ILE A 83 -14.94 -16.05 -3.79
CA ILE A 83 -14.22 -17.04 -3.01
C ILE A 83 -13.59 -18.10 -3.90
N PHE A 84 -14.35 -18.60 -4.86
CA PHE A 84 -13.79 -19.58 -5.79
C PHE A 84 -12.62 -18.96 -6.54
N ALA A 85 -12.73 -17.68 -6.88
CA ALA A 85 -11.71 -16.99 -7.66
C ALA A 85 -10.40 -16.82 -6.89
N ALA A 86 -10.51 -16.51 -5.60
CA ALA A 86 -9.35 -16.38 -4.74
C ALA A 86 -8.60 -17.71 -4.63
N ALA A 87 -9.36 -18.78 -4.48
CA ALA A 87 -8.79 -20.12 -4.41
C ALA A 87 -8.12 -20.49 -5.72
N SER A 88 -8.69 -20.03 -6.83
CA SER A 88 -8.16 -20.39 -8.13
C SER A 88 -6.81 -19.71 -8.37
N GLU A 89 -6.60 -18.54 -7.76
CA GLU A 89 -5.33 -17.84 -7.86
C GLU A 89 -4.24 -18.62 -7.13
N GLN A 90 -4.64 -19.41 -6.14
CA GLN A 90 -3.67 -20.22 -5.42
C GLN A 90 -3.72 -21.69 -5.90
N GLY A 91 -4.14 -21.86 -7.15
CA GLY A 91 -4.03 -23.11 -7.86
C GLY A 91 -5.04 -24.18 -7.53
N VAL A 92 -6.23 -23.76 -7.09
CA VAL A 92 -7.28 -24.71 -6.76
C VAL A 92 -8.64 -24.29 -7.34
N LYS A 93 -9.16 -25.13 -8.23
CA LYS A 93 -10.47 -24.91 -8.83
C LYS A 93 -11.51 -25.70 -8.05
N LEU A 94 -12.26 -24.99 -7.22
CA LEU A 94 -13.27 -25.60 -6.37
C LEU A 94 -14.53 -25.96 -7.17
N VAL A 95 -15.17 -27.06 -6.78
CA VAL A 95 -16.43 -27.45 -7.41
C VAL A 95 -17.40 -28.02 -6.38
N LEU A 96 -18.70 -27.83 -6.62
CA LEU A 96 -19.73 -28.34 -5.73
C LEU A 96 -20.05 -29.78 -6.09
N GLY A 97 -20.31 -30.59 -5.08
CA GLY A 97 -20.61 -31.99 -5.30
C GLY A 97 -21.94 -32.39 -4.73
N PRO A 98 -22.41 -33.59 -5.10
CA PRO A 98 -23.66 -34.14 -4.56
C PRO A 98 -23.53 -34.31 -3.05
N ASN A 99 -22.32 -34.50 -2.55
CA ASN A 99 -22.09 -34.68 -1.13
C ASN A 99 -21.83 -33.36 -0.41
N THR A 100 -21.97 -32.26 -1.15
CA THR A 100 -21.75 -30.93 -0.59
C THR A 100 -22.71 -30.66 0.56
N ARG A 101 -22.16 -30.34 1.73
CA ARG A 101 -22.98 -30.07 2.91
C ARG A 101 -23.34 -28.59 3.01
N TRP A 102 -24.64 -28.32 3.15
CA TRP A 102 -25.13 -26.95 3.27
C TRP A 102 -25.63 -26.68 4.68
N VAL A 103 -24.98 -25.75 5.37
CA VAL A 103 -25.35 -25.40 6.74
C VAL A 103 -25.96 -24.01 6.85
N ASN A 104 -27.23 -23.97 7.22
CA ASN A 104 -27.93 -22.70 7.39
C ASN A 104 -28.07 -21.94 6.08
N VAL A 105 -28.18 -22.68 4.97
CA VAL A 105 -28.40 -22.06 3.67
C VAL A 105 -29.79 -22.40 3.13
N PRO A 106 -30.69 -21.41 3.16
CA PRO A 106 -32.08 -21.57 2.73
C PRO A 106 -32.19 -22.11 1.32
N ASN A 107 -33.29 -22.81 1.05
CA ASN A 107 -33.54 -23.46 -0.23
C ASN A 107 -33.18 -22.63 -1.48
N GLU A 108 -33.77 -21.44 -1.61
CA GLU A 108 -33.59 -20.65 -2.82
C GLU A 108 -32.15 -20.17 -2.97
N LEU A 109 -31.62 -19.54 -1.92
CA LEU A 109 -30.22 -19.13 -1.92
C LEU A 109 -29.34 -20.30 -2.30
N ARG A 110 -29.72 -21.48 -1.83
CA ARG A 110 -28.98 -22.69 -2.10
C ARG A 110 -29.00 -23.01 -3.60
N ALA A 111 -30.15 -22.81 -4.23
CA ALA A 111 -30.25 -23.01 -5.68
C ALA A 111 -29.38 -21.98 -6.40
N GLU A 112 -29.56 -20.72 -6.03
CA GLU A 112 -28.83 -19.64 -6.68
C GLU A 112 -27.32 -19.79 -6.48
N LEU A 113 -26.91 -20.27 -5.31
CA LEU A 113 -25.49 -20.46 -5.04
C LEU A 113 -24.97 -21.59 -5.91
N THR A 114 -25.81 -22.60 -6.11
CA THR A 114 -25.45 -23.73 -6.95
C THR A 114 -25.18 -23.26 -8.38
N HIS A 115 -26.08 -22.41 -8.90
CA HIS A 115 -25.95 -21.92 -10.26
C HIS A 115 -24.75 -20.99 -10.42
N ALA A 116 -24.50 -20.17 -9.41
CA ALA A 116 -23.38 -19.24 -9.43
C ALA A 116 -22.05 -19.97 -9.50
N ALA A 117 -22.01 -21.17 -8.91
CA ALA A 117 -20.79 -21.97 -8.91
C ALA A 117 -20.60 -22.67 -10.25
N ALA A 118 -21.68 -22.81 -11.00
CA ALA A 118 -21.63 -23.46 -12.30
C ALA A 118 -21.27 -22.47 -13.41
N ALA A 119 -21.91 -21.30 -13.37
CA ALA A 119 -21.67 -20.27 -14.36
C ALA A 119 -20.35 -19.55 -14.11
N GLN B 20 -2.02 27.42 -2.81
CA GLN B 20 -0.70 26.84 -2.56
C GLN B 20 0.32 27.87 -2.07
N GLY B 21 0.28 28.18 -0.77
CA GLY B 21 1.19 29.15 -0.19
C GLY B 21 2.62 28.65 -0.10
N MSE B 22 3.56 29.58 0.09
CA MSE B 22 4.97 29.24 0.23
C MSE B 22 5.71 30.25 1.10
O MSE B 22 6.21 31.27 0.62
CB MSE B 22 5.64 29.14 -1.14
CG MSE B 22 7.11 28.72 -1.10
SE MSE B 22 7.36 26.84 -0.62
CE MSE B 22 6.02 26.08 -1.81
N LYS B 23 5.78 29.97 2.41
CA LYS B 23 6.42 30.89 3.34
C LYS B 23 7.86 30.48 3.67
N GLN B 24 8.75 31.46 3.67
CA GLN B 24 10.15 31.24 3.97
C GLN B 24 10.37 31.14 5.47
N GLU B 25 11.28 30.28 5.88
CA GLU B 25 11.48 30.01 7.29
C GLU B 25 12.91 29.57 7.54
N PHE B 26 13.48 30.04 8.64
CA PHE B 26 14.87 29.72 8.96
C PHE B 26 15.03 28.38 9.68
N VAL B 27 16.09 27.67 9.32
CA VAL B 27 16.48 26.44 9.99
C VAL B 27 17.18 26.76 11.30
N ALA B 28 16.63 26.26 12.40
CA ALA B 28 17.25 26.46 13.70
C ALA B 28 18.55 25.65 13.90
N ALA B 29 18.64 24.48 13.28
CA ALA B 29 19.79 23.59 13.50
C ALA B 29 19.92 22.43 12.51
N ILE B 30 21.17 22.08 12.19
CA ILE B 30 21.48 20.89 11.42
C ILE B 30 22.26 19.97 12.33
N GLU B 31 21.98 18.67 12.24
CA GLU B 31 22.70 17.69 13.06
C GLU B 31 22.87 16.34 12.35
N ILE B 32 24.02 15.74 12.54
CA ILE B 32 24.25 14.36 12.15
C ILE B 32 24.27 13.52 13.42
N ASP B 33 23.28 12.64 13.60
CA ASP B 33 23.18 11.86 14.83
C ASP B 33 24.09 10.65 14.79
N GLY B 34 24.11 9.90 15.89
CA GLY B 34 25.03 8.79 16.04
C GLY B 34 24.91 7.74 14.95
N THR B 35 23.70 7.58 14.40
CA THR B 35 23.49 6.56 13.36
C THR B 35 23.83 7.07 11.96
N GLY B 36 24.11 8.36 11.83
CA GLY B 36 24.47 8.94 10.54
C GLY B 36 23.35 9.66 9.80
N ARG B 37 22.18 9.76 10.42
CA ARG B 37 21.09 10.51 9.83
C ARG B 37 21.41 12.00 9.90
N ILE B 38 21.00 12.74 8.89
CA ILE B 38 21.09 14.20 8.98
C ILE B 38 19.72 14.74 9.38
N HIS B 39 19.71 15.57 10.44
CA HIS B 39 18.50 16.16 10.98
C HIS B 39 18.43 17.67 10.73
N VAL B 40 17.27 18.13 10.24
CA VAL B 40 17.04 19.54 10.00
C VAL B 40 15.92 20.04 10.88
N THR B 41 16.25 20.93 11.83
CA THR B 41 15.26 21.44 12.76
C THR B 41 14.70 22.79 12.30
N PRO B 42 13.43 22.79 11.85
CA PRO B 42 12.76 24.02 11.42
C PRO B 42 12.60 25.01 12.58
N GLY B 43 12.69 26.30 12.27
CA GLY B 43 12.59 27.33 13.29
C GLY B 43 11.26 27.33 14.03
N GLU B 44 10.15 27.09 13.32
CA GLU B 44 8.84 27.15 13.96
C GLU B 44 7.84 26.11 13.47
N SER B 45 7.99 25.68 12.22
CA SER B 45 7.04 24.75 11.63
C SER B 45 7.26 23.29 12.06
N GLN B 46 6.18 22.53 12.09
CA GLN B 46 6.22 21.10 12.39
C GLN B 46 5.68 20.31 11.21
N PHE B 47 6.33 19.20 10.88
CA PHE B 47 5.92 18.40 9.72
C PHE B 47 5.64 16.94 10.12
N PRO B 48 4.76 16.72 11.11
CA PRO B 48 4.54 15.36 11.64
C PRO B 48 3.99 14.42 10.57
N TYR B 49 3.51 14.99 9.47
CA TYR B 49 2.93 14.18 8.41
C TYR B 49 3.71 14.26 7.11
N ILE B 50 5.00 14.56 7.21
CA ILE B 50 5.86 14.66 6.03
C ILE B 50 5.96 13.33 5.28
N TYR B 51 5.65 12.22 5.96
CA TYR B 51 5.72 10.93 5.31
C TYR B 51 4.71 10.78 4.16
N ARG B 52 3.62 11.54 4.21
CA ARG B 52 2.61 11.43 3.17
C ARG B 52 3.09 11.95 1.82
N GLU B 53 4.15 12.76 1.84
CA GLU B 53 4.79 13.22 0.60
C GLU B 53 5.47 12.07 -0.13
N ALA B 54 5.75 11.00 0.58
CA ALA B 54 6.36 9.82 -0.03
C ALA B 54 7.71 10.17 -0.63
N MSE B 55 8.53 10.88 0.14
CA MSE B 55 9.83 11.31 -0.37
C MSE B 55 10.98 10.74 0.45
O MSE B 55 12.13 11.18 0.33
CB MSE B 55 9.89 12.84 -0.44
CG MSE B 55 8.99 13.39 -1.55
SE MSE B 55 8.88 15.32 -1.60
CE MSE B 55 10.73 15.69 -2.10
N GLU B 56 10.64 9.75 1.28
CA GLU B 56 11.61 9.10 2.17
C GLU B 56 12.25 10.06 3.17
N VAL B 57 11.55 11.15 3.45
CA VAL B 57 11.94 12.06 4.52
C VAL B 57 11.02 11.78 5.70
N SER B 58 11.59 11.73 6.90
CA SER B 58 10.82 11.49 8.11
C SER B 58 10.78 12.72 9.02
N TRP B 59 9.89 12.68 10.01
CA TRP B 59 9.82 13.70 11.04
C TRP B 59 10.00 13.03 12.41
N ASN B 60 10.83 13.63 13.25
CA ASN B 60 10.96 13.21 14.63
C ASN B 60 10.41 14.28 15.55
N GLU B 61 9.36 13.93 16.29
N GLU B 61 9.32 13.95 16.25
CA GLU B 61 8.64 14.90 17.10
CA GLU B 61 8.66 14.91 17.11
C GLU B 61 9.37 15.29 18.39
C GLU B 61 9.58 15.37 18.24
N SER B 62 10.21 14.41 18.91
CA SER B 62 10.96 14.68 20.13
C SER B 62 12.07 15.73 19.96
N THR B 63 12.65 15.79 18.76
CA THR B 63 13.61 16.86 18.46
C THR B 63 13.11 17.79 17.35
N ARG B 64 11.82 17.72 17.05
CA ARG B 64 11.19 18.50 15.99
C ARG B 64 12.07 18.66 14.75
N SER B 65 12.52 17.54 14.20
CA SER B 65 13.44 17.60 13.06
C SER B 65 12.98 16.73 11.90
N LEU B 66 13.12 17.26 10.70
CA LEU B 66 13.01 16.46 9.49
C LEU B 66 14.34 15.73 9.39
N HIS B 67 14.33 14.49 8.90
CA HIS B 67 15.58 13.75 8.80
C HIS B 67 15.63 12.69 7.68
N SER B 68 16.85 12.36 7.29
CA SER B 68 17.10 11.35 6.28
C SER B 68 16.95 9.97 6.92
N PRO B 69 16.94 8.92 6.08
CA PRO B 69 16.98 7.58 6.65
C PRO B 69 18.39 7.31 7.14
N VAL B 70 18.58 6.20 7.84
CA VAL B 70 19.91 5.74 8.17
C VAL B 70 20.65 5.57 6.86
N PRO B 71 21.78 6.25 6.72
CA PRO B 71 22.58 6.16 5.49
C PRO B 71 23.32 4.83 5.38
N ARG B 72 22.95 4.02 4.40
CA ARG B 72 23.58 2.72 4.19
C ARG B 72 23.82 2.45 2.71
N GLU B 73 24.87 1.70 2.41
CA GLU B 73 25.21 1.36 1.03
C GLU B 73 24.14 0.50 0.39
N TRP B 74 23.86 0.75 -0.88
CA TRP B 74 22.85 0.00 -1.62
C TRP B 74 23.38 -1.39 -1.99
N SER B 75 22.61 -2.42 -1.67
CA SER B 75 23.00 -3.79 -1.97
C SER B 75 21.86 -4.53 -2.66
N TYR B 76 22.11 -4.96 -3.88
CA TYR B 76 21.13 -5.81 -4.57
C TYR B 76 20.89 -7.12 -3.81
N ALA B 77 21.95 -7.65 -3.18
CA ALA B 77 21.82 -8.86 -2.36
C ALA B 77 20.87 -8.65 -1.19
N GLN B 78 21.07 -7.56 -0.47
CA GLN B 78 20.22 -7.28 0.67
C GLN B 78 18.78 -7.10 0.20
N TRP B 79 18.62 -6.39 -0.91
CA TRP B 79 17.27 -6.20 -1.45
C TRP B 79 16.59 -7.50 -1.90
N LEU B 80 17.34 -8.41 -2.52
CA LEU B 80 16.73 -9.69 -2.89
C LEU B 80 16.24 -10.37 -1.62
N GLN B 81 17.11 -10.37 -0.59
CA GLN B 81 16.78 -10.99 0.68
C GLN B 81 15.54 -10.35 1.31
N GLN B 82 15.44 -9.04 1.19
CA GLN B 82 14.28 -8.32 1.72
C GLN B 82 13.02 -8.74 0.97
N ILE B 83 13.13 -8.88 -0.34
CA ILE B 83 12.00 -9.31 -1.15
C ILE B 83 11.59 -10.74 -0.80
N PHE B 84 12.57 -11.61 -0.61
CA PHE B 84 12.28 -13.00 -0.23
C PHE B 84 11.60 -13.02 1.13
N ALA B 85 12.08 -12.19 2.06
CA ALA B 85 11.53 -12.19 3.42
C ALA B 85 10.08 -11.69 3.43
N ALA B 86 9.79 -10.72 2.56
CA ALA B 86 8.44 -10.19 2.46
C ALA B 86 7.48 -11.27 1.92
N ALA B 87 7.88 -11.91 0.82
CA ALA B 87 7.08 -12.98 0.23
C ALA B 87 6.85 -14.07 1.27
N SER B 88 7.88 -14.37 2.05
CA SER B 88 7.80 -15.36 3.09
C SER B 88 6.73 -15.00 4.13
N GLU B 89 6.73 -13.74 4.56
CA GLU B 89 5.71 -13.24 5.49
C GLU B 89 4.32 -13.53 4.96
N GLN B 90 4.16 -13.56 3.64
CA GLN B 90 2.84 -13.81 3.04
C GLN B 90 2.68 -15.26 2.57
N GLY B 91 3.43 -16.17 3.17
CA GLY B 91 3.24 -17.60 2.96
C GLY B 91 4.03 -18.26 1.85
N VAL B 92 4.90 -17.52 1.18
CA VAL B 92 5.66 -18.11 0.07
C VAL B 92 7.17 -18.12 0.27
N LYS B 93 7.76 -19.31 0.19
CA LYS B 93 9.20 -19.46 0.29
C LYS B 93 9.77 -19.53 -1.11
N LEU B 94 10.31 -18.42 -1.58
CA LEU B 94 10.82 -18.34 -2.95
C LEU B 94 12.20 -18.94 -3.04
N VAL B 95 12.42 -19.75 -4.09
CA VAL B 95 13.71 -20.38 -4.31
C VAL B 95 14.16 -20.22 -5.76
N LEU B 96 15.46 -20.06 -5.96
CA LEU B 96 16.00 -19.97 -7.31
C LEU B 96 16.02 -21.35 -7.95
N GLY B 97 15.99 -21.40 -9.27
CA GLY B 97 15.95 -22.66 -9.97
C GLY B 97 16.82 -22.68 -11.21
N PRO B 98 16.97 -23.86 -11.82
CA PRO B 98 17.78 -24.07 -13.01
C PRO B 98 17.23 -23.30 -14.20
N ASN B 99 15.94 -22.99 -14.17
CA ASN B 99 15.29 -22.30 -15.28
C ASN B 99 14.96 -20.84 -15.00
N THR B 100 15.34 -20.35 -13.83
CA THR B 100 15.15 -18.95 -13.50
C THR B 100 15.82 -18.08 -14.54
N ARG B 101 15.09 -17.10 -15.06
CA ARG B 101 15.66 -16.16 -16.03
C ARG B 101 16.42 -15.05 -15.33
N TRP B 102 17.58 -14.71 -15.88
CA TRP B 102 18.38 -13.60 -15.39
C TRP B 102 18.37 -12.53 -16.48
N VAL B 103 17.67 -11.43 -16.21
CA VAL B 103 17.50 -10.39 -17.21
C VAL B 103 18.23 -9.10 -16.81
N ASN B 104 19.17 -8.69 -17.66
CA ASN B 104 20.02 -7.53 -17.40
C ASN B 104 20.71 -7.64 -16.04
N VAL B 105 21.13 -8.84 -15.68
CA VAL B 105 21.94 -9.02 -14.50
C VAL B 105 23.34 -9.49 -14.90
N PRO B 106 24.36 -8.72 -14.55
CA PRO B 106 25.77 -9.01 -14.86
C PRO B 106 26.21 -10.32 -14.20
N ASN B 107 27.07 -11.06 -14.90
CA ASN B 107 27.61 -12.32 -14.39
C ASN B 107 27.92 -12.26 -12.90
N GLU B 108 28.83 -11.36 -12.53
CA GLU B 108 29.32 -11.27 -11.17
C GLU B 108 28.16 -11.23 -10.18
N LEU B 109 27.16 -10.44 -10.52
CA LEU B 109 26.01 -10.21 -9.65
C LEU B 109 25.14 -11.45 -9.53
N ARG B 110 25.05 -12.23 -10.61
CA ARG B 110 24.23 -13.45 -10.59
C ARG B 110 24.73 -14.42 -9.52
N ALA B 111 26.04 -14.55 -9.42
CA ALA B 111 26.62 -15.44 -8.42
C ALA B 111 26.26 -14.95 -7.02
N GLU B 112 26.47 -13.67 -6.79
CA GLU B 112 26.22 -13.06 -5.49
C GLU B 112 24.76 -13.16 -5.07
N LEU B 113 23.86 -12.81 -5.99
CA LEU B 113 22.43 -12.92 -5.73
C LEU B 113 22.02 -14.36 -5.48
N THR B 114 22.68 -15.29 -6.17
CA THR B 114 22.39 -16.70 -6.00
C THR B 114 22.73 -17.12 -4.58
N HIS B 115 23.87 -16.67 -4.08
CA HIS B 115 24.27 -16.96 -2.72
C HIS B 115 23.35 -16.31 -1.69
N ALA B 116 22.84 -15.13 -2.00
CA ALA B 116 21.96 -14.43 -1.08
C ALA B 116 20.62 -15.14 -0.97
N ALA B 117 20.20 -15.75 -2.08
CA ALA B 117 18.95 -16.49 -2.10
C ALA B 117 19.10 -17.73 -1.22
N ALA B 118 20.29 -18.31 -1.26
CA ALA B 118 20.60 -19.49 -0.46
C ALA B 118 20.55 -19.17 1.03
N ALA B 119 21.53 -18.39 1.50
CA ALA B 119 21.57 -17.99 2.90
C ALA B 119 20.20 -17.51 3.38
N GLY C 21 -1.91 -24.31 -14.24
CA GLY C 21 -1.44 -25.31 -13.32
C GLY C 21 -2.43 -25.46 -12.21
N MSE C 22 -3.62 -25.88 -12.54
N MSE C 22 -3.63 -25.98 -12.56
CA MSE C 22 -4.69 -25.94 -11.56
CA MSE C 22 -4.70 -26.04 -11.58
C MSE C 22 -4.76 -27.28 -10.86
C MSE C 22 -4.77 -27.37 -10.88
O MSE C 22 -3.77 -27.88 -10.55
O MSE C 22 -3.78 -27.97 -10.58
CB MSE C 22 -6.00 -25.60 -12.21
CB MSE C 22 -6.01 -25.69 -12.24
CG MSE C 22 -6.07 -24.15 -12.70
CG MSE C 22 -7.18 -25.66 -11.25
SE MSE C 22 -6.57 -22.91 -11.34
SE MSE C 22 -7.05 -24.27 -9.95
CE MSE C 22 -7.24 -24.13 -10.15
CE MSE C 22 -7.49 -22.88 -11.05
N LYS C 23 -5.97 -27.73 -10.60
CA LYS C 23 -6.19 -28.85 -9.72
C LYS C 23 -7.62 -28.78 -9.24
N GLN C 24 -8.43 -29.75 -9.59
CA GLN C 24 -9.82 -29.73 -9.23
C GLN C 24 -10.04 -30.33 -7.87
N GLU C 25 -11.00 -29.81 -7.16
CA GLU C 25 -11.26 -30.21 -5.79
C GLU C 25 -12.70 -29.94 -5.39
N PHE C 26 -13.31 -30.91 -4.70
CA PHE C 26 -14.69 -30.77 -4.27
C PHE C 26 -14.82 -29.92 -3.01
N VAL C 27 -15.89 -29.15 -2.92
CA VAL C 27 -16.20 -28.41 -1.71
C VAL C 27 -16.90 -29.31 -0.72
N ALA C 28 -16.40 -29.36 0.51
CA ALA C 28 -17.03 -30.18 1.54
C ALA C 28 -18.27 -29.52 2.14
N ALA C 29 -18.27 -28.19 2.22
CA ALA C 29 -19.40 -27.52 2.86
C ALA C 29 -19.56 -26.05 2.50
N ILE C 30 -20.82 -25.64 2.38
CA ILE C 30 -21.15 -24.23 2.28
C ILE C 30 -21.99 -23.87 3.47
N GLU C 31 -21.63 -22.77 4.14
CA GLU C 31 -22.33 -22.36 5.35
C GLU C 31 -22.44 -20.85 5.46
N ILE C 32 -23.57 -20.38 5.97
CA ILE C 32 -23.67 -18.99 6.34
C ILE C 32 -23.67 -18.90 7.85
N ASP C 33 -22.67 -18.22 8.41
CA ASP C 33 -22.54 -18.16 9.86
C ASP C 33 -23.53 -17.18 10.46
N GLY C 34 -23.46 -17.00 11.77
CA GLY C 34 -24.44 -16.19 12.48
C GLY C 34 -24.34 -14.70 12.16
N THR C 35 -23.17 -14.27 11.67
CA THR C 35 -22.98 -12.86 11.33
C THR C 35 -23.25 -12.60 9.85
N GLY C 36 -23.59 -13.67 9.13
CA GLY C 36 -24.00 -13.54 7.74
C GLY C 36 -22.88 -13.77 6.73
N ARG C 37 -21.69 -14.13 7.20
CA ARG C 37 -20.60 -14.44 6.30
C ARG C 37 -20.82 -15.79 5.66
N ILE C 38 -20.49 -15.91 4.38
CA ILE C 38 -20.56 -17.19 3.70
C ILE C 38 -19.20 -17.88 3.75
N HIS C 39 -19.22 -19.14 4.18
CA HIS C 39 -18.03 -19.98 4.30
C HIS C 39 -18.03 -21.11 3.28
N VAL C 40 -16.90 -21.28 2.60
CA VAL C 40 -16.70 -22.41 1.72
C VAL C 40 -15.58 -23.24 2.32
N THR C 41 -15.90 -24.48 2.70
CA THR C 41 -14.91 -25.39 3.26
C THR C 41 -14.39 -26.30 2.16
N PRO C 42 -13.09 -26.21 1.84
CA PRO C 42 -12.49 -27.00 0.78
C PRO C 42 -12.49 -28.49 1.11
N GLY C 43 -12.59 -29.34 0.12
CA GLY C 43 -12.42 -30.75 0.35
C GLY C 43 -11.16 -31.12 1.07
N GLU C 44 -10.01 -30.62 0.65
CA GLU C 44 -8.78 -30.93 1.34
C GLU C 44 -7.82 -29.80 1.55
N SER C 45 -7.74 -28.87 0.63
CA SER C 45 -6.76 -27.84 0.73
C SER C 45 -7.02 -26.80 1.81
N GLN C 46 -5.95 -26.22 2.30
CA GLN C 46 -6.02 -25.13 3.26
C GLN C 46 -5.43 -23.88 2.61
N PHE C 47 -5.98 -22.71 2.95
CA PHE C 47 -5.49 -21.45 2.41
C PHE C 47 -5.22 -20.41 3.51
N PRO C 48 -4.27 -20.71 4.41
CA PRO C 48 -3.95 -19.80 5.52
C PRO C 48 -3.56 -18.41 5.05
N TYR C 49 -3.09 -18.28 3.82
CA TYR C 49 -2.59 -17.01 3.32
C TYR C 49 -3.42 -16.43 2.19
N ILE C 50 -4.69 -16.84 2.11
CA ILE C 50 -5.58 -16.35 1.06
C ILE C 50 -5.73 -14.81 1.08
N TYR C 51 -5.43 -14.19 2.22
CA TYR C 51 -5.48 -12.74 2.33
C TYR C 51 -4.54 -12.03 1.34
N ARG C 52 -3.45 -12.67 0.97
CA ARG C 52 -2.44 -12.03 0.13
C ARG C 52 -2.99 -11.77 -1.28
N GLU C 53 -4.13 -12.38 -1.60
CA GLU C 53 -4.72 -12.18 -2.92
C GLU C 53 -5.43 -10.83 -3.02
N ALA C 54 -5.62 -10.18 -1.88
CA ALA C 54 -6.29 -8.88 -1.85
C ALA C 54 -7.64 -8.92 -2.54
N MSE C 55 -8.43 -9.94 -2.22
CA MSE C 55 -9.78 -10.04 -2.78
C MSE C 55 -10.81 -10.06 -1.67
O MSE C 55 -11.96 -10.47 -1.88
CB MSE C 55 -9.89 -11.28 -3.68
CG MSE C 55 -8.93 -11.26 -4.85
SE MSE C 55 -8.92 -12.87 -5.96
CE MSE C 55 -10.74 -12.76 -6.67
N GLU C 56 -10.40 -9.60 -0.49
CA GLU C 56 -11.27 -9.58 0.68
C GLU C 56 -11.83 -10.96 1.04
N VAL C 57 -11.09 -12.01 0.67
CA VAL C 57 -11.44 -13.35 1.12
C VAL C 57 -10.52 -13.71 2.28
N SER C 58 -11.11 -14.27 3.33
CA SER C 58 -10.33 -14.64 4.52
C SER C 58 -10.35 -16.14 4.78
N TRP C 59 -9.42 -16.59 5.63
CA TRP C 59 -9.32 -17.98 6.03
C TRP C 59 -9.58 -18.09 7.53
N ASN C 60 -10.54 -18.93 7.89
CA ASN C 60 -10.80 -19.21 9.30
C ASN C 60 -10.32 -20.61 9.66
N GLU C 61 -9.29 -20.70 10.46
CA GLU C 61 -8.63 -21.97 10.74
C GLU C 61 -9.51 -22.95 11.52
N SER C 62 -10.15 -22.45 12.57
CA SER C 62 -10.97 -23.31 13.43
C SER C 62 -12.03 -24.07 12.63
N THR C 63 -12.44 -23.52 11.49
CA THR C 63 -13.42 -24.20 10.66
C THR C 63 -12.86 -24.55 9.28
N ARG C 64 -11.56 -24.38 9.13
N ARG C 64 -11.57 -24.44 9.12
CA ARG C 64 -10.89 -24.64 7.85
CA ARG C 64 -10.93 -24.68 7.85
C ARG C 64 -11.74 -24.19 6.66
C ARG C 64 -11.78 -24.19 6.68
N SER C 65 -12.18 -22.93 6.71
CA SER C 65 -13.04 -22.38 5.65
C SER C 65 -12.55 -21.05 5.08
N LEU C 66 -12.70 -20.89 3.77
CA LEU C 66 -12.59 -19.59 3.14
C LEU C 66 -13.89 -18.86 3.41
N HIS C 67 -13.83 -17.57 3.70
CA HIS C 67 -15.09 -16.85 3.96
C HIS C 67 -15.10 -15.40 3.51
N SER C 68 -16.32 -14.89 3.33
CA SER C 68 -16.54 -13.50 2.99
C SER C 68 -16.52 -12.64 4.24
N PRO C 69 -16.43 -11.31 4.05
CA PRO C 69 -16.69 -10.38 5.13
C PRO C 69 -18.16 -10.46 5.53
N VAL C 70 -18.50 -9.85 6.65
CA VAL C 70 -19.89 -9.64 7.04
C VAL C 70 -20.57 -8.83 5.94
N PRO C 71 -21.80 -9.22 5.57
CA PRO C 71 -22.50 -8.51 4.50
C PRO C 71 -22.55 -7.00 4.72
N ARG C 72 -22.30 -6.25 3.65
CA ARG C 72 -22.11 -4.81 3.76
C ARG C 72 -22.55 -4.13 2.47
N GLU C 73 -23.50 -3.21 2.59
CA GLU C 73 -23.88 -2.34 1.49
C GLU C 73 -23.46 -0.92 1.85
N TRP C 74 -22.32 -0.47 1.33
CA TRP C 74 -21.84 0.87 1.69
C TRP C 74 -22.39 2.00 0.82
N SER C 75 -22.99 2.98 1.47
CA SER C 75 -23.51 4.15 0.78
C SER C 75 -22.37 5.09 0.39
N TYR C 76 -22.67 6.04 -0.48
CA TYR C 76 -21.71 7.07 -0.83
C TYR C 76 -21.33 7.89 0.40
N ALA C 77 -22.31 8.12 1.28
CA ALA C 77 -22.06 8.80 2.54
C ALA C 77 -20.96 8.12 3.35
N GLN C 78 -21.04 6.80 3.49
CA GLN C 78 -20.04 6.06 4.24
C GLN C 78 -18.69 6.05 3.54
N TRP C 79 -18.70 6.00 2.21
CA TRP C 79 -17.43 6.06 1.48
C TRP C 79 -16.76 7.43 1.59
N LEU C 80 -17.56 8.49 1.56
CA LEU C 80 -17.06 9.85 1.78
C LEU C 80 -16.37 9.96 3.14
N GLN C 81 -17.02 9.45 4.19
CA GLN C 81 -16.41 9.47 5.51
C GLN C 81 -15.12 8.66 5.55
N GLN C 82 -15.14 7.50 4.88
CA GLN C 82 -13.94 6.68 4.79
C GLN C 82 -12.82 7.45 4.10
N ILE C 83 -13.14 8.10 3.00
CA ILE C 83 -12.12 8.89 2.30
C ILE C 83 -11.59 10.00 3.21
N PHE C 84 -12.48 10.69 3.91
CA PHE C 84 -12.07 11.74 4.85
C PHE C 84 -11.18 11.17 5.95
N ALA C 85 -11.59 10.04 6.51
CA ALA C 85 -10.84 9.40 7.59
C ALA C 85 -9.44 9.01 7.14
N ALA C 86 -9.28 8.58 5.90
CA ALA C 86 -7.96 8.20 5.41
C ALA C 86 -7.06 9.43 5.27
N ALA C 87 -7.61 10.51 4.72
CA ALA C 87 -6.83 11.74 4.59
C ALA C 87 -6.43 12.27 5.96
N SER C 88 -7.33 12.15 6.91
CA SER C 88 -7.07 12.56 8.28
C SER C 88 -5.90 11.78 8.88
N GLU C 89 -5.85 10.48 8.60
CA GLU C 89 -4.73 9.63 9.04
C GLU C 89 -3.41 10.15 8.51
N GLN C 90 -3.46 10.86 7.39
CA GLN C 90 -2.25 11.40 6.81
C GLN C 90 -2.13 12.92 7.03
N GLY C 91 -2.83 13.42 8.04
CA GLY C 91 -2.61 14.76 8.56
C GLY C 91 -3.44 15.89 7.97
N VAL C 92 -4.45 15.55 7.19
CA VAL C 92 -5.28 16.57 6.54
C VAL C 92 -6.75 16.39 6.87
N LYS C 93 -7.34 17.40 7.53
CA LYS C 93 -8.76 17.39 7.80
C LYS C 93 -9.52 18.13 6.72
N LEU C 94 -10.16 17.38 5.83
CA LEU C 94 -10.87 17.96 4.71
C LEU C 94 -12.21 18.54 5.15
N VAL C 95 -12.53 19.73 4.67
CA VAL C 95 -13.81 20.35 4.96
C VAL C 95 -14.41 20.91 3.70
N LEU C 96 -15.74 20.89 3.62
CA LEU C 96 -16.46 21.44 2.48
C LEU C 96 -16.53 22.95 2.57
N GLY C 97 -16.42 23.61 1.42
CA GLY C 97 -16.54 25.06 1.37
C GLY C 97 -17.73 25.48 0.54
N PRO C 98 -18.10 26.77 0.62
CA PRO C 98 -19.20 27.26 -0.20
C PRO C 98 -18.84 27.17 -1.68
N ASN C 99 -17.56 27.03 -1.99
CA ASN C 99 -17.08 26.94 -3.38
C ASN C 99 -16.77 25.52 -3.88
N THR C 100 -16.83 24.54 -2.99
CA THR C 100 -16.64 23.14 -3.38
C THR C 100 -17.56 22.79 -4.54
N ARG C 101 -17.01 22.21 -5.61
CA ARG C 101 -17.85 21.81 -6.74
C ARG C 101 -18.41 20.41 -6.58
N TRP C 102 -19.69 20.25 -6.91
CA TRP C 102 -20.36 18.96 -6.87
C TRP C 102 -20.65 18.55 -8.30
N VAL C 103 -20.08 17.43 -8.72
CA VAL C 103 -20.17 16.97 -10.10
C VAL C 103 -20.86 15.61 -10.18
N ASN C 104 -22.01 15.56 -10.86
CA ASN C 104 -22.74 14.31 -11.04
C ASN C 104 -23.22 13.69 -9.72
N VAL C 105 -23.66 14.55 -8.80
CA VAL C 105 -24.17 14.14 -7.51
C VAL C 105 -25.60 14.61 -7.39
N PRO C 106 -26.57 13.67 -7.39
CA PRO C 106 -27.97 14.10 -7.28
C PRO C 106 -28.22 14.96 -6.03
N ASN C 107 -29.16 15.89 -6.15
CA ASN C 107 -29.47 16.81 -5.06
C ASN C 107 -29.74 16.12 -3.73
N GLU C 108 -30.58 15.09 -3.76
CA GLU C 108 -30.89 14.33 -2.56
C GLU C 108 -29.63 13.77 -1.91
N LEU C 109 -28.71 13.28 -2.73
CA LEU C 109 -27.47 12.70 -2.23
C LEU C 109 -26.53 13.78 -1.67
N ARG C 110 -26.42 14.90 -2.39
CA ARG C 110 -25.51 15.98 -1.96
C ARG C 110 -25.83 16.38 -0.53
N ALA C 111 -27.11 16.57 -0.25
CA ALA C 111 -27.56 16.89 1.10
C ALA C 111 -27.03 15.85 2.08
N GLU C 112 -27.26 14.59 1.75
CA GLU C 112 -26.83 13.48 2.60
C GLU C 112 -25.32 13.48 2.78
N LEU C 113 -24.59 13.70 1.69
CA LEU C 113 -23.12 13.75 1.74
C LEU C 113 -22.60 14.94 2.53
N THR C 114 -23.22 16.09 2.34
CA THR C 114 -22.81 17.27 3.08
C THR C 114 -22.96 16.99 4.58
N HIS C 115 -24.07 16.38 4.94
CA HIS C 115 -24.30 16.01 6.32
C HIS C 115 -23.23 15.03 6.78
N ALA C 116 -22.82 14.15 5.87
CA ALA C 116 -21.81 13.15 6.19
C ALA C 116 -20.46 13.80 6.49
N ALA C 117 -20.07 14.77 5.67
CA ALA C 117 -18.78 15.42 5.81
C ALA C 117 -18.64 16.13 7.15
N ALA C 118 -19.77 16.51 7.73
CA ALA C 118 -19.77 17.25 8.99
C ALA C 118 -19.91 16.34 10.20
N ALA C 119 -20.81 15.37 10.11
CA ALA C 119 -21.11 14.48 11.23
C ALA C 119 -19.86 13.78 11.80
N GLN D 20 4.38 -23.69 8.79
CA GLN D 20 2.97 -24.01 8.72
C GLN D 20 2.32 -23.52 7.43
N GLY D 21 1.89 -24.45 6.58
CA GLY D 21 1.23 -24.10 5.33
C GLY D 21 2.04 -23.18 4.44
N MSE D 22 3.34 -23.15 4.67
CA MSE D 22 4.28 -22.36 3.86
C MSE D 22 4.65 -23.13 2.60
O MSE D 22 5.21 -24.22 2.66
CB MSE D 22 5.53 -22.04 4.68
CG MSE D 22 6.60 -21.27 3.93
SE MSE D 22 6.53 -19.36 4.27
CE MSE D 22 6.80 -19.39 6.21
N LYS D 23 4.29 -22.58 1.44
N LYS D 23 4.35 -22.54 1.45
CA LYS D 23 4.57 -23.26 0.19
CA LYS D 23 4.54 -23.18 0.16
C LYS D 23 5.87 -22.77 -0.44
C LYS D 23 5.84 -22.74 -0.53
N GLN D 24 6.63 -23.72 -0.98
CA GLN D 24 7.85 -23.42 -1.71
C GLN D 24 7.49 -23.14 -3.15
N GLU D 25 8.28 -22.30 -3.81
CA GLU D 25 7.95 -21.85 -5.15
C GLU D 25 9.18 -21.31 -5.89
N PHE D 26 9.35 -21.76 -7.15
CA PHE D 26 10.44 -21.28 -7.99
C PHE D 26 10.31 -19.81 -8.39
N VAL D 27 11.45 -19.13 -8.47
CA VAL D 27 11.52 -17.81 -9.06
C VAL D 27 11.66 -17.96 -10.58
N ALA D 28 10.76 -17.34 -11.34
CA ALA D 28 10.82 -17.46 -12.79
C ALA D 28 11.87 -16.50 -13.37
N ALA D 29 12.06 -15.35 -12.72
CA ALA D 29 12.96 -14.35 -13.26
C ALA D 29 13.52 -13.36 -12.23
N ILE D 30 14.78 -12.99 -12.42
CA ILE D 30 15.38 -11.87 -11.71
C ILE D 30 15.75 -10.83 -12.76
N GLU D 31 15.26 -9.61 -12.59
CA GLU D 31 15.60 -8.53 -13.51
C GLU D 31 16.06 -7.26 -12.80
N ILE D 32 17.04 -6.60 -13.38
CA ILE D 32 17.35 -5.24 -13.01
C ILE D 32 16.83 -4.35 -14.13
N ASP D 33 15.85 -3.49 -13.83
CA ASP D 33 15.22 -2.69 -14.87
C ASP D 33 16.05 -1.45 -15.22
N GLY D 34 15.56 -0.67 -16.19
CA GLY D 34 16.27 0.48 -16.68
C GLY D 34 16.62 1.51 -15.61
N THR D 35 15.74 1.63 -14.61
CA THR D 35 15.95 2.57 -13.52
C THR D 35 16.71 1.91 -12.37
N GLY D 36 17.17 0.68 -12.61
CA GLY D 36 18.01 -0.01 -11.65
C GLY D 36 17.27 -0.70 -10.53
N ARG D 37 15.95 -0.80 -10.64
CA ARG D 37 15.18 -1.56 -9.67
C ARG D 37 15.35 -3.06 -9.90
N ILE D 38 15.50 -3.81 -8.82
CA ILE D 38 15.59 -5.24 -8.94
C ILE D 38 14.20 -5.87 -8.79
N HIS D 39 13.84 -6.71 -9.75
CA HIS D 39 12.54 -7.36 -9.78
C HIS D 39 12.67 -8.85 -9.59
N VAL D 40 11.81 -9.41 -8.75
CA VAL D 40 11.70 -10.86 -8.60
C VAL D 40 10.32 -11.31 -9.08
N THR D 41 10.28 -12.07 -10.17
CA THR D 41 9.03 -12.61 -10.72
C THR D 41 8.74 -14.01 -10.17
N PRO D 42 7.69 -14.15 -9.35
CA PRO D 42 7.32 -15.45 -8.78
C PRO D 42 6.86 -16.39 -9.87
N GLY D 43 7.08 -17.69 -9.64
CA GLY D 43 6.65 -18.69 -10.59
C GLY D 43 5.16 -18.68 -10.75
N GLU D 44 4.43 -18.57 -9.65
CA GLU D 44 2.98 -18.73 -9.71
C GLU D 44 2.13 -17.77 -8.86
N SER D 45 2.70 -17.21 -7.79
CA SER D 45 1.91 -16.41 -6.86
C SER D 45 1.93 -14.92 -7.19
N GLN D 46 0.90 -14.21 -6.72
CA GLN D 46 0.90 -12.75 -6.77
C GLN D 46 0.90 -12.18 -5.36
N PHE D 47 1.37 -10.94 -5.22
CA PHE D 47 1.46 -10.30 -3.90
C PHE D 47 0.95 -8.85 -3.94
N PRO D 48 -0.32 -8.66 -4.33
CA PRO D 48 -0.89 -7.31 -4.47
C PRO D 48 -0.87 -6.52 -3.16
N TYR D 49 -0.86 -7.22 -2.02
CA TYR D 49 -0.84 -6.55 -0.72
C TYR D 49 0.54 -6.59 -0.08
N ILE D 50 1.57 -6.82 -0.87
CA ILE D 50 2.91 -6.94 -0.29
C ILE D 50 3.29 -5.66 0.47
N TYR D 51 2.78 -4.51 0.03
CA TYR D 51 3.08 -3.26 0.71
C TYR D 51 2.69 -3.33 2.19
N ARG D 52 1.65 -4.10 2.49
CA ARG D 52 1.14 -4.19 3.86
C ARG D 52 2.14 -4.83 4.84
N GLU D 53 3.22 -5.39 4.31
CA GLU D 53 4.28 -5.89 5.17
C GLU D 53 5.16 -4.76 5.68
N ALA D 54 5.01 -3.57 5.09
CA ALA D 54 5.79 -2.42 5.52
C ALA D 54 7.29 -2.72 5.51
N MSE D 55 7.77 -3.32 4.43
CA MSE D 55 9.19 -3.65 4.28
C MSE D 55 9.76 -2.99 3.03
O MSE D 55 10.81 -3.39 2.53
CB MSE D 55 9.38 -5.18 4.23
CG MSE D 55 8.97 -5.88 5.52
SE MSE D 55 9.09 -7.83 5.48
CE MSE D 55 11.03 -8.00 5.28
N GLU D 56 9.06 -2.01 2.52
CA GLU D 56 9.50 -1.28 1.36
C GLU D 56 9.62 -2.14 0.10
N VAL D 57 8.90 -3.24 0.06
CA VAL D 57 8.82 -4.07 -1.13
C VAL D 57 7.48 -3.78 -1.81
N SER D 58 7.50 -3.74 -3.14
CA SER D 58 6.32 -3.38 -3.92
C SER D 58 5.99 -4.47 -4.94
N TRP D 59 4.76 -4.43 -5.44
CA TRP D 59 4.26 -5.38 -6.43
C TRP D 59 3.85 -4.69 -7.73
N ASN D 60 4.49 -5.04 -8.84
CA ASN D 60 4.13 -4.47 -10.14
C ASN D 60 3.22 -5.41 -10.93
N GLU D 61 1.95 -5.08 -11.02
CA GLU D 61 0.98 -5.96 -11.66
C GLU D 61 1.34 -6.36 -13.08
N SER D 62 1.65 -5.38 -13.92
CA SER D 62 1.88 -5.65 -15.34
C SER D 62 3.05 -6.62 -15.61
N THR D 63 4.12 -6.48 -14.83
CA THR D 63 5.27 -7.39 -14.97
C THR D 63 5.20 -8.54 -13.96
N ARG D 64 4.12 -8.56 -13.18
N ARG D 64 4.15 -8.55 -13.15
CA ARG D 64 3.94 -9.57 -12.14
CA ARG D 64 3.96 -9.60 -12.17
C ARG D 64 5.22 -9.76 -11.33
C ARG D 64 5.19 -9.78 -11.29
N SER D 65 5.71 -8.68 -10.74
CA SER D 65 6.96 -8.75 -9.99
C SER D 65 7.01 -8.02 -8.64
N LEU D 66 7.67 -8.65 -7.69
CA LEU D 66 8.07 -7.99 -6.47
C LEU D 66 9.33 -7.23 -6.85
N HIS D 67 9.46 -6.00 -6.35
CA HIS D 67 10.62 -5.19 -6.72
C HIS D 67 11.04 -4.21 -5.62
N SER D 68 12.30 -3.79 -5.69
CA SER D 68 12.84 -2.76 -4.80
C SER D 68 12.48 -1.37 -5.30
N PRO D 69 12.79 -0.33 -4.51
CA PRO D 69 12.67 1.03 -5.02
C PRO D 69 13.80 1.29 -6.01
N VAL D 70 13.82 2.47 -6.62
CA VAL D 70 14.99 2.87 -7.39
C VAL D 70 16.16 3.03 -6.41
N PRO D 71 17.33 2.52 -6.79
CA PRO D 71 18.52 2.58 -5.94
C PRO D 71 18.84 4.01 -5.55
N ARG D 72 18.87 4.28 -4.25
CA ARG D 72 19.17 5.60 -3.74
C ARG D 72 20.42 5.57 -2.85
N GLU D 73 21.47 6.27 -3.30
CA GLU D 73 22.73 6.32 -2.57
C GLU D 73 23.21 7.77 -2.52
N TRP D 74 22.70 8.51 -1.54
CA TRP D 74 22.82 9.97 -1.52
C TRP D 74 23.80 10.53 -0.49
N SER D 75 24.50 11.58 -0.89
CA SER D 75 25.38 12.31 0.02
C SER D 75 24.53 13.14 0.97
N TYR D 76 25.16 13.68 2.00
CA TYR D 76 24.46 14.54 2.94
C TYR D 76 23.85 15.74 2.24
N ALA D 77 24.57 16.30 1.26
CA ALA D 77 24.09 17.46 0.53
C ALA D 77 22.78 17.14 -0.20
N GLN D 78 22.74 15.96 -0.83
CA GLN D 78 21.55 15.53 -1.56
C GLN D 78 20.37 15.30 -0.63
N TRP D 79 20.64 14.69 0.52
CA TRP D 79 19.59 14.50 1.53
C TRP D 79 19.07 15.82 2.06
N LEU D 80 19.96 16.78 2.22
CA LEU D 80 19.56 18.09 2.71
C LEU D 80 18.62 18.72 1.69
N GLN D 81 18.94 18.56 0.41
CA GLN D 81 18.07 19.08 -0.64
C GLN D 81 16.73 18.35 -0.67
N GLN D 82 16.77 17.03 -0.57
CA GLN D 82 15.54 16.26 -0.52
C GLN D 82 14.67 16.77 0.62
N ILE D 83 15.31 17.02 1.77
CA ILE D 83 14.61 17.46 2.96
C ILE D 83 13.95 18.81 2.72
N PHE D 84 14.70 19.74 2.13
CA PHE D 84 14.13 21.04 1.80
C PHE D 84 12.97 20.87 0.82
N ALA D 85 13.18 20.02 -0.18
CA ALA D 85 12.16 19.79 -1.20
C ALA D 85 10.84 19.29 -0.59
N ALA D 86 10.93 18.43 0.41
CA ALA D 86 9.74 17.87 1.02
C ALA D 86 8.99 18.93 1.82
N ALA D 87 9.74 19.75 2.55
CA ALA D 87 9.14 20.81 3.34
C ALA D 87 8.42 21.81 2.45
N SER D 88 8.97 22.07 1.26
CA SER D 88 8.34 23.00 0.34
C SER D 88 7.11 22.37 -0.29
N GLU D 89 7.07 21.04 -0.33
CA GLU D 89 5.86 20.35 -0.76
C GLU D 89 4.75 20.58 0.24
N GLN D 90 5.12 20.89 1.48
CA GLN D 90 4.12 21.19 2.51
C GLN D 90 4.10 22.67 2.90
N GLY D 91 4.46 23.54 1.94
CA GLY D 91 4.23 24.97 2.07
C GLY D 91 5.31 25.81 2.75
N VAL D 92 6.52 25.27 2.87
CA VAL D 92 7.57 25.95 3.62
C VAL D 92 8.92 25.92 2.91
N LYS D 93 9.48 27.10 2.64
CA LYS D 93 10.82 27.21 2.09
C LYS D 93 11.86 27.41 3.19
N LEU D 94 12.63 26.36 3.46
CA LEU D 94 13.61 26.41 4.54
C LEU D 94 14.90 27.08 4.06
N VAL D 95 15.46 27.94 4.89
CA VAL D 95 16.76 28.54 4.58
C VAL D 95 17.68 28.50 5.79
N LEU D 96 18.98 28.42 5.52
CA LEU D 96 19.98 28.53 6.57
C LEU D 96 20.24 30.02 6.81
N GLY D 97 20.68 30.33 8.03
CA GLY D 97 21.11 31.67 8.37
C GLY D 97 22.32 31.63 9.29
N PRO D 98 22.91 32.79 9.57
CA PRO D 98 24.11 32.91 10.41
C PRO D 98 23.87 32.41 11.82
N ASN D 99 22.62 32.21 12.19
CA ASN D 99 22.27 31.74 13.53
C ASN D 99 21.92 30.25 13.59
N THR D 100 21.99 29.58 12.44
CA THR D 100 21.70 28.15 12.39
C THR D 100 22.76 27.36 13.16
N ARG D 101 22.31 26.50 14.07
CA ARG D 101 23.24 25.70 14.87
C ARG D 101 23.67 24.45 14.14
N TRP D 102 24.94 24.09 14.32
CA TRP D 102 25.49 22.89 13.73
C TRP D 102 25.92 21.96 14.83
N VAL D 103 25.33 20.77 14.83
CA VAL D 103 25.50 19.82 15.92
C VAL D 103 26.10 18.53 15.39
N ASN D 104 27.33 18.25 15.81
CA ASN D 104 28.06 17.07 15.37
C ASN D 104 28.23 17.03 13.86
N VAL D 105 28.53 18.19 13.27
CA VAL D 105 28.80 18.30 11.84
C VAL D 105 30.24 18.76 11.66
N PRO D 106 31.09 17.95 11.00
CA PRO D 106 32.47 18.39 10.76
C PRO D 106 32.52 19.68 9.97
N ASN D 107 33.51 20.52 10.25
CA ASN D 107 33.66 21.80 9.57
C ASN D 107 33.58 21.65 8.04
N GLU D 108 34.30 20.67 7.51
CA GLU D 108 34.36 20.45 6.07
C GLU D 108 32.99 20.12 5.49
N LEU D 109 32.21 19.40 6.27
CA LEU D 109 30.86 19.04 5.87
C LEU D 109 29.97 20.28 5.91
N ARG D 110 30.20 21.14 6.90
N ARG D 110 30.19 21.13 6.92
CA ARG D 110 29.44 22.37 7.04
CA ARG D 110 29.44 22.38 7.04
C ARG D 110 29.55 23.22 5.79
C ARG D 110 29.56 23.21 5.78
N ALA D 111 30.77 23.34 5.26
CA ALA D 111 31.04 24.12 4.07
C ALA D 111 30.23 23.56 2.90
N GLU D 112 30.22 22.24 2.80
CA GLU D 112 29.55 21.53 1.72
C GLU D 112 28.02 21.64 1.82
N LEU D 113 27.48 21.53 3.02
CA LEU D 113 26.04 21.64 3.21
C LEU D 113 25.58 23.07 3.00
N THR D 114 26.45 24.01 3.38
CA THR D 114 26.18 25.43 3.17
C THR D 114 26.00 25.70 1.67
N HIS D 115 26.86 25.07 0.87
CA HIS D 115 26.77 25.23 -0.58
C HIS D 115 25.52 24.54 -1.15
N ALA D 116 25.18 23.38 -0.61
CA ALA D 116 24.02 22.63 -1.09
C ALA D 116 22.72 23.40 -0.91
N ALA D 117 22.57 24.07 0.23
CA ALA D 117 21.34 24.79 0.54
C ALA D 117 21.08 25.98 -0.39
N ALA D 118 22.11 26.47 -1.06
CA ALA D 118 21.98 27.57 -2.01
C ALA D 118 21.68 27.06 -3.41
N ALA D 119 22.40 26.03 -3.83
CA ALA D 119 22.19 25.42 -5.15
C ALA D 119 20.76 24.92 -5.32
#